data_8ALP
#
_entry.id   8ALP
#
_cell.length_a   39.554
_cell.length_b   78.938
_cell.length_c   118.550
_cell.angle_alpha   90.000
_cell.angle_beta   90.000
_cell.angle_gamma   90.000
#
_symmetry.space_group_name_H-M   'P 21 21 21'
#
loop_
_entity.id
_entity.type
_entity.pdbx_description
1 polymer Bont/A1
2 non-polymer 1,2-ETHANEDIOL
3 non-polymer DI(HYDROXYETHYL)ETHER
4 water water
#
_entity_poly.entity_id   1
_entity_poly.type   'polypeptide(L)'
_entity_poly.pdbx_seq_one_letter_code
;MHHHHHHKNIINTSILSLRYENNHLIDLSRYASKINIGSRVNFDPIDKNQIQLFNLESSKIEVILKNAIVYNSMYENFST
SFWIKIPKYFSEISLNNEYTIINCIENNSGWKVSLNYGEIIWTLQDNKQNIQRVVFKYSQMVAISDYINRWIFITITNNR
LTKSKIYINGRLIDQKPISNLGNIHASNKIMFKLDGCRDPRRYIMIKYFNLFDKELNEKEIKDLYDSQSNSGILKDFWGN
YLQYDKPYYMLNLFDPNKYVDVNNVGIRGYMYLKGSRSTLLTTNIYLNSGLYMGTKFIIKKYASGNKDNIVRNNDRVYIN
VVVNNKEYRLATNASQAGVEKILSALEIPDIGNLSQVVVMKSKNDQGIRNKCKMNLQDNNGNDIGFIGFHKFNDIYKLVA
SNWYNRQIEISSRTFGCSWEFIPVDDGWGEKPL
;
_entity_poly.pdbx_strand_id   AAA
#
loop_
_chem_comp.id
_chem_comp.type
_chem_comp.name
_chem_comp.formula
EDO non-polymer 1,2-ETHANEDIOL 'C2 H6 O2'
PEG non-polymer DI(HYDROXYETHYL)ETHER 'C4 H10 O3'
#
# COMPACT_ATOMS: atom_id res chain seq x y z
N ILE A 10 -12.09 16.22 3.24
CA ILE A 10 -13.03 15.64 4.28
C ILE A 10 -12.28 15.37 5.60
N ILE A 11 -10.95 15.17 5.56
CA ILE A 11 -10.11 14.91 6.77
C ILE A 11 -10.14 16.12 7.73
N ASN A 12 -10.28 17.35 7.23
CA ASN A 12 -10.28 18.56 8.11
C ASN A 12 -11.55 18.58 8.98
N THR A 13 -12.62 17.87 8.57
CA THR A 13 -13.90 17.73 9.33
C THR A 13 -13.86 16.60 10.38
N SER A 14 -12.76 15.89 10.54
CA SER A 14 -12.69 14.77 11.53
C SER A 14 -12.94 15.31 12.95
N ILE A 15 -13.50 14.50 13.85
CA ILE A 15 -13.63 14.82 15.31
C ILE A 15 -12.52 14.11 16.10
N LEU A 16 -11.65 13.37 15.43
CA LEU A 16 -10.40 12.84 16.03
C LEU A 16 -9.46 12.43 14.90
N SER A 17 -8.20 12.85 15.00
CA SER A 17 -7.21 12.64 13.94
C SER A 17 -5.90 12.25 14.62
N LEU A 18 -5.67 10.95 14.80
CA LEU A 18 -4.54 10.44 15.63
C LEU A 18 -3.29 10.44 14.75
N ARG A 19 -2.28 11.21 15.17
CA ARG A 19 -1.08 11.50 14.34
C ARG A 19 0.16 11.58 15.24
N TYR A 20 1.29 11.14 14.73
CA TYR A 20 2.57 11.20 15.49
C TYR A 20 3.10 12.63 15.47
N HIS A 24 5.50 12.53 19.22
CA HIS A 24 4.50 11.86 20.10
C HIS A 24 3.27 11.52 19.26
N LEU A 25 2.36 10.68 19.76
CA LEU A 25 0.98 10.57 19.20
C LEU A 25 0.14 11.71 19.79
N ILE A 26 -0.63 12.39 18.93
CA ILE A 26 -1.48 13.55 19.31
C ILE A 26 -2.73 13.51 18.43
N ASP A 27 -3.85 14.00 18.95
CA ASP A 27 -5.08 14.24 18.15
C ASP A 27 -4.97 15.62 17.50
N LEU A 28 -4.86 15.69 16.17
CA LEU A 28 -4.76 16.97 15.39
C LEU A 28 -6.14 17.49 14.98
N SER A 29 -7.24 16.77 15.26
CA SER A 29 -8.60 17.34 15.04
C SER A 29 -8.70 18.72 15.68
N ARG A 30 -9.56 19.60 15.16
CA ARG A 30 -9.81 20.95 15.74
C ARG A 30 -9.98 20.86 17.26
N TYR A 31 -10.42 19.69 17.76
CA TYR A 31 -10.53 19.39 19.21
C TYR A 31 -9.25 18.67 19.67
N ALA A 32 -8.68 19.15 20.78
CA ALA A 32 -7.73 18.37 21.62
C ALA A 32 -8.46 17.13 22.12
N SER A 33 -7.72 16.18 22.70
CA SER A 33 -8.22 14.86 23.17
C SER A 33 -7.03 14.04 23.67
N LYS A 34 -7.21 13.29 24.76
CA LYS A 34 -6.09 12.67 25.54
C LYS A 34 -5.72 11.29 24.98
N ILE A 35 -4.43 11.10 24.73
CA ILE A 35 -3.82 9.79 24.34
C ILE A 35 -2.98 9.26 25.51
N ASN A 36 -3.21 8.01 25.91
CA ASN A 36 -2.30 7.23 26.79
C ASN A 36 -1.69 6.10 25.96
N ILE A 37 -0.36 6.08 25.86
CA ILE A 37 0.46 5.01 25.22
C ILE A 37 1.10 4.19 26.34
N GLY A 38 0.90 2.87 26.33
CA GLY A 38 1.68 1.94 27.18
C GLY A 38 3.10 1.81 26.68
N SER A 39 3.97 1.19 27.47
CA SER A 39 5.44 1.18 27.22
C SER A 39 5.79 0.31 26.01
N ARG A 40 4.94 -0.69 25.69
CA ARG A 40 5.31 -1.73 24.68
C ARG A 40 4.77 -1.43 23.29
N VAL A 41 4.24 -0.22 23.06
CA VAL A 41 3.88 0.26 21.68
C VAL A 41 5.17 0.67 20.95
N ASN A 42 5.31 0.33 19.69
CA ASN A 42 6.47 0.76 18.85
C ASN A 42 5.95 1.59 17.68
N PHE A 43 6.74 2.57 17.25
CA PHE A 43 6.56 3.37 16.01
C PHE A 43 7.75 3.07 15.11
N ASP A 44 7.51 2.77 13.83
CA ASP A 44 8.58 2.64 12.82
C ASP A 44 9.47 3.88 12.91
N PRO A 45 10.82 3.76 12.85
CA PRO A 45 11.67 4.94 12.95
C PRO A 45 11.63 5.82 11.70
N ILE A 46 11.36 5.18 10.56
CA ILE A 46 11.35 5.78 9.20
C ILE A 46 9.99 6.43 9.01
N ASP A 47 8.90 5.72 9.34
CA ASP A 47 7.52 6.29 9.22
C ASP A 47 6.86 6.25 10.59
N LYS A 48 6.98 7.35 11.34
CA LYS A 48 6.61 7.40 12.77
C LYS A 48 5.09 7.14 12.93
N ASN A 49 4.28 7.39 11.90
CA ASN A 49 2.81 7.21 11.95
C ASN A 49 2.44 5.72 11.78
N GLN A 50 3.45 4.86 11.69
CA GLN A 50 3.30 3.40 11.50
C GLN A 50 3.32 2.77 12.89
N ILE A 51 2.15 2.52 13.49
CA ILE A 51 2.00 2.07 14.92
C ILE A 51 2.05 0.54 14.91
N GLN A 52 2.92 -0.05 15.76
CA GLN A 52 3.05 -1.53 15.89
C GLN A 52 2.49 -1.93 17.27
N LEU A 53 1.44 -2.75 17.27
CA LEU A 53 0.83 -3.27 18.53
C LEU A 53 1.12 -4.77 18.63
N PHE A 54 1.77 -5.19 19.73
CA PHE A 54 2.20 -6.59 19.92
C PHE A 54 1.22 -7.27 20.89
N ASN A 55 1.34 -8.58 21.00
CA ASN A 55 0.45 -9.33 21.91
C ASN A 55 1.02 -9.28 23.34
N LEU A 56 0.94 -8.09 23.94
CA LEU A 56 1.46 -7.77 25.30
C LEU A 56 0.54 -6.70 25.90
N GLU A 57 0.16 -6.82 27.18
CA GLU A 57 -0.25 -5.63 27.94
C GLU A 57 0.91 -4.65 27.83
N SER A 58 0.73 -3.39 28.21
CA SER A 58 1.71 -2.30 27.92
C SER A 58 1.72 -1.99 26.41
N SER A 59 1.37 -2.94 25.52
CA SER A 59 1.23 -2.65 24.06
C SER A 59 -0.21 -2.21 23.77
N LYS A 60 -0.57 -1.08 24.36
CA LYS A 60 -1.95 -0.53 24.32
C LYS A 60 -1.88 0.96 24.10
N ILE A 61 -2.82 1.49 23.32
CA ILE A 61 -3.10 2.94 23.23
C ILE A 61 -4.55 3.13 23.65
N GLU A 62 -4.76 4.03 24.62
CA GLU A 62 -6.06 4.44 25.17
C GLU A 62 -6.30 5.87 24.70
N VAL A 63 -7.46 6.11 24.09
CA VAL A 63 -7.87 7.45 23.58
C VAL A 63 -9.10 7.84 24.37
N ILE A 64 -8.97 8.95 25.10
CA ILE A 64 -10.08 9.53 25.91
C ILE A 64 -10.60 10.72 25.11
N LEU A 65 -11.83 10.59 24.59
CA LEU A 65 -12.57 11.69 23.92
C LEU A 65 -13.08 12.61 25.02
N LYS A 66 -12.77 13.91 24.93
CA LYS A 66 -13.04 14.91 25.99
C LYS A 66 -13.67 16.16 25.36
N ILE A 69 -19.88 15.67 22.44
CA ILE A 69 -19.24 14.86 23.52
C ILE A 69 -19.83 13.43 23.49
N VAL A 70 -19.43 12.61 22.51
CA VAL A 70 -19.90 11.19 22.36
C VAL A 70 -21.38 11.18 21.95
N TYR A 71 -22.27 11.64 22.85
CA TYR A 71 -23.67 12.04 22.52
C TYR A 71 -23.58 13.39 21.81
N ASN A 72 -24.26 13.51 20.68
CA ASN A 72 -23.91 14.47 19.58
C ASN A 72 -22.75 13.85 18.79
N SER A 73 -22.71 14.11 17.49
CA SER A 73 -21.66 13.61 16.58
C SER A 73 -21.85 12.11 16.28
N MET A 74 -21.94 11.22 17.28
CA MET A 74 -21.83 9.75 17.05
C MET A 74 -22.96 8.92 17.66
N TYR A 75 -24.00 9.57 18.13
CA TYR A 75 -25.21 8.90 18.65
C TYR A 75 -25.90 8.12 17.51
N GLU A 76 -26.08 8.77 16.35
CA GLU A 76 -26.96 8.25 15.27
C GLU A 76 -26.14 7.82 14.07
N ASN A 77 -25.00 8.46 13.85
CA ASN A 77 -24.21 8.23 12.62
C ASN A 77 -22.76 8.66 12.89
N PHE A 78 -21.83 7.87 12.39
CA PHE A 78 -20.40 8.12 12.64
C PHE A 78 -19.61 7.18 11.78
N SER A 79 -18.33 7.52 11.54
CA SER A 79 -17.45 6.71 10.69
C SER A 79 -16.06 6.67 11.33
N THR A 80 -15.32 5.68 10.93
CA THR A 80 -13.91 5.53 11.38
C THR A 80 -13.10 5.12 10.17
N SER A 81 -11.84 5.58 10.07
CA SER A 81 -10.92 5.11 9.02
C SER A 81 -9.54 4.87 9.63
N PHE A 82 -8.84 3.92 9.07
CA PHE A 82 -7.44 3.62 9.44
C PHE A 82 -6.86 2.66 8.42
N TRP A 83 -5.52 2.72 8.26
CA TRP A 83 -4.78 1.68 7.52
C TRP A 83 -4.41 0.53 8.46
N ILE A 84 -4.37 -0.69 7.93
CA ILE A 84 -3.92 -1.86 8.74
C ILE A 84 -3.08 -2.76 7.87
N LYS A 85 -2.10 -3.39 8.52
CA LYS A 85 -1.37 -4.56 8.02
C LYS A 85 -1.39 -5.61 9.13
N ILE A 86 -1.73 -6.84 8.79
CA ILE A 86 -1.53 -8.01 9.70
C ILE A 86 -0.36 -8.81 9.15
N PRO A 87 0.88 -8.65 9.68
CA PRO A 87 2.04 -9.35 9.14
C PRO A 87 2.13 -10.80 9.65
N ILE A 93 2.93 -23.61 15.74
CA ILE A 93 1.55 -24.09 16.05
C ILE A 93 0.56 -23.05 15.53
N SER A 94 -0.54 -23.48 14.90
CA SER A 94 -1.64 -22.57 14.52
C SER A 94 -2.41 -22.16 15.78
N LEU A 95 -2.43 -20.88 16.14
CA LEU A 95 -3.06 -20.38 17.40
C LEU A 95 -4.06 -19.28 17.06
N ASN A 96 -4.99 -19.57 16.17
CA ASN A 96 -5.93 -18.57 15.62
C ASN A 96 -7.24 -18.61 16.42
N ASN A 97 -7.89 -17.45 16.55
CA ASN A 97 -9.17 -17.27 17.29
C ASN A 97 -9.53 -15.78 17.18
N GLU A 98 -10.80 -15.43 17.39
CA GLU A 98 -11.28 -14.02 17.27
C GLU A 98 -10.67 -13.22 18.42
N TYR A 99 -10.00 -12.12 18.12
CA TYR A 99 -9.42 -11.20 19.13
C TYR A 99 -9.82 -9.78 18.75
N THR A 100 -10.07 -8.96 19.76
CA THR A 100 -10.42 -7.52 19.63
C THR A 100 -9.14 -6.71 19.43
N ILE A 101 -9.14 -5.75 18.50
CA ILE A 101 -7.95 -4.89 18.25
C ILE A 101 -8.30 -3.41 18.51
N ILE A 102 -9.54 -2.99 18.28
CA ILE A 102 -9.95 -1.61 18.70
C ILE A 102 -11.29 -1.72 19.43
N ASN A 103 -11.38 -1.14 20.64
CA ASN A 103 -12.54 -1.36 21.54
C ASN A 103 -13.08 -0.01 22.00
N CYS A 104 -14.39 0.19 21.79
CA CYS A 104 -15.12 1.38 22.29
C CYS A 104 -16.47 0.93 22.83
N ILE A 105 -16.42 0.01 23.79
CA ILE A 105 -17.62 -0.52 24.48
C ILE A 105 -17.59 -0.11 25.95
N GLU A 106 -18.75 0.26 26.48
CA GLU A 106 -18.99 0.64 27.90
C GLU A 106 -20.44 0.31 28.25
N ASN A 107 -20.73 -0.10 29.48
CA ASN A 107 -22.07 -0.60 29.87
C ASN A 107 -22.58 -1.55 28.79
N ASN A 108 -21.69 -2.40 28.26
CA ASN A 108 -21.96 -3.50 27.31
C ASN A 108 -22.48 -2.99 25.95
N SER A 109 -22.39 -1.68 25.67
CA SER A 109 -22.83 -1.10 24.36
C SER A 109 -21.72 -0.26 23.71
N GLY A 110 -21.67 -0.27 22.36
CA GLY A 110 -20.77 0.55 21.53
C GLY A 110 -20.30 -0.22 20.31
N TRP A 111 -19.00 -0.10 19.98
CA TRP A 111 -18.48 -0.71 18.74
C TRP A 111 -17.08 -1.26 19.02
N LYS A 112 -16.67 -2.23 18.21
CA LYS A 112 -15.25 -2.68 18.20
C LYS A 112 -14.87 -3.24 16.83
N VAL A 113 -13.56 -3.23 16.58
CA VAL A 113 -12.94 -3.95 15.43
C VAL A 113 -12.29 -5.20 16.02
N SER A 114 -12.42 -6.32 15.30
CA SER A 114 -11.88 -7.64 15.72
C SER A 114 -11.26 -8.32 14.51
N LEU A 115 -10.31 -9.21 14.79
CA LEU A 115 -9.62 -9.97 13.73
C LEU A 115 -9.81 -11.46 14.01
N ASN A 116 -9.75 -12.27 12.97
CA ASN A 116 -9.67 -13.75 13.07
C ASN A 116 -8.96 -14.19 11.81
N TYR A 117 -8.71 -15.48 11.64
CA TYR A 117 -8.07 -15.96 10.38
C TYR A 117 -9.03 -15.64 9.23
N GLY A 118 -8.53 -14.89 8.22
CA GLY A 118 -9.26 -14.54 6.98
C GLY A 118 -10.44 -13.61 7.21
N GLU A 119 -10.53 -12.97 8.38
CA GLU A 119 -11.70 -12.13 8.76
C GLU A 119 -11.24 -10.80 9.37
N ILE A 120 -11.89 -9.68 9.00
CA ILE A 120 -11.84 -8.40 9.78
C ILE A 120 -13.29 -8.10 10.14
N ILE A 121 -13.57 -7.84 11.42
CA ILE A 121 -14.96 -7.95 11.95
C ILE A 121 -15.35 -6.65 12.63
N TRP A 122 -16.49 -6.09 12.24
CA TRP A 122 -17.06 -4.89 12.89
C TRP A 122 -18.27 -5.33 13.70
N THR A 123 -18.31 -4.93 14.97
CA THR A 123 -19.40 -5.33 15.88
C THR A 123 -19.99 -4.08 16.53
N LEU A 124 -21.30 -3.88 16.39
CA LEU A 124 -22.08 -2.86 17.15
C LEU A 124 -22.90 -3.57 18.24
N GLN A 125 -23.01 -2.95 19.42
CA GLN A 125 -23.77 -3.46 20.60
C GLN A 125 -24.65 -2.34 21.16
N ASP A 126 -25.88 -2.62 21.62
CA ASP A 126 -26.91 -1.56 21.85
C ASP A 126 -27.65 -1.57 23.21
N ASN A 127 -27.13 -2.16 24.29
CA ASN A 127 -27.73 -2.03 25.65
C ASN A 127 -28.92 -3.01 25.82
N LYS A 128 -29.68 -3.28 24.76
CA LYS A 128 -30.77 -4.30 24.77
C LYS A 128 -30.18 -5.68 24.45
N GLN A 129 -28.86 -5.85 24.61
CA GLN A 129 -28.12 -7.12 24.35
C GLN A 129 -28.19 -7.48 22.86
N ASN A 130 -28.67 -6.59 22.00
CA ASN A 130 -28.70 -6.83 20.53
C ASN A 130 -27.31 -6.50 19.98
N ILE A 131 -26.90 -7.21 18.93
CA ILE A 131 -25.55 -7.08 18.34
C ILE A 131 -25.70 -7.25 16.82
N GLN A 132 -25.02 -6.41 16.05
CA GLN A 132 -24.91 -6.55 14.58
C GLN A 132 -23.43 -6.72 14.25
N ARG A 133 -23.09 -7.74 13.46
CA ARG A 133 -21.68 -8.05 13.08
C ARG A 133 -21.54 -7.93 11.56
N VAL A 134 -20.56 -7.14 11.10
CA VAL A 134 -20.18 -7.01 9.66
C VAL A 134 -18.74 -7.52 9.50
N VAL A 135 -18.47 -8.21 8.38
CA VAL A 135 -17.20 -8.96 8.15
C VAL A 135 -16.68 -8.68 6.74
N PHE A 136 -15.35 -8.52 6.63
CA PHE A 136 -14.54 -8.59 5.39
C PHE A 136 -13.74 -9.89 5.42
N LYS A 137 -13.70 -10.64 4.31
CA LYS A 137 -13.04 -11.98 4.23
C LYS A 137 -11.83 -11.93 3.27
N ASN A 149 -0.61 -10.04 4.60
CA ASN A 149 0.65 -9.25 4.67
C ASN A 149 0.57 -8.06 3.71
N ARG A 150 -0.56 -7.36 3.70
CA ARG A 150 -0.77 -6.22 2.77
C ARG A 150 -1.28 -5.04 3.57
N TRP A 151 -0.79 -3.84 3.26
CA TRP A 151 -1.45 -2.61 3.77
C TRP A 151 -2.80 -2.47 3.07
N ILE A 152 -3.84 -2.35 3.89
CA ILE A 152 -5.25 -2.18 3.42
C ILE A 152 -5.86 -0.96 4.11
N PHE A 153 -6.60 -0.20 3.34
CA PHE A 153 -7.32 0.97 3.89
C PHE A 153 -8.76 0.58 4.20
N ILE A 154 -9.05 0.61 5.49
CA ILE A 154 -10.40 0.32 6.05
C ILE A 154 -11.18 1.61 6.31
N THR A 155 -12.45 1.60 5.90
CA THR A 155 -13.41 2.62 6.37
C THR A 155 -14.70 1.90 6.78
N ILE A 156 -15.17 2.22 7.97
CA ILE A 156 -16.46 1.71 8.53
C ILE A 156 -17.40 2.89 8.77
N THR A 157 -18.59 2.81 8.16
CA THR A 157 -19.60 3.88 8.33
C THR A 157 -20.82 3.30 9.02
N ASN A 158 -21.54 4.18 9.72
CA ASN A 158 -22.66 3.72 10.57
C ASN A 158 -23.78 4.75 10.57
N ASN A 159 -25.00 4.28 10.35
CA ASN A 159 -26.20 5.14 10.48
C ASN A 159 -27.30 4.25 11.04
N ARG A 160 -27.74 4.59 12.22
CA ARG A 160 -28.79 3.80 12.95
C ARG A 160 -30.02 3.62 12.06
N LEU A 161 -30.26 4.55 11.14
CA LEU A 161 -31.46 4.49 10.26
C LEU A 161 -31.29 3.42 9.20
N THR A 162 -30.07 3.03 8.86
CA THR A 162 -29.80 2.21 7.64
C THR A 162 -28.88 1.06 8.02
N LYS A 163 -27.57 1.20 7.79
CA LYS A 163 -26.65 0.04 7.85
C LYS A 163 -25.31 0.39 8.42
N SER A 164 -24.58 -0.65 8.85
CA SER A 164 -23.10 -0.61 8.98
C SER A 164 -22.46 -1.09 7.69
N LYS A 165 -21.42 -0.37 7.22
CA LYS A 165 -20.79 -0.63 5.90
C LYS A 165 -19.28 -0.75 6.08
N ILE A 166 -18.68 -1.80 5.48
CA ILE A 166 -17.19 -1.96 5.45
C ILE A 166 -16.73 -1.66 4.04
N TYR A 167 -15.78 -0.74 3.92
CA TYR A 167 -15.05 -0.45 2.67
C TYR A 167 -13.60 -0.88 2.84
N ILE A 168 -13.03 -1.43 1.76
CA ILE A 168 -11.59 -1.84 1.68
C ILE A 168 -11.00 -1.13 0.47
N ASN A 169 -10.00 -0.27 0.69
CA ASN A 169 -9.35 0.50 -0.39
C ASN A 169 -10.42 1.27 -1.18
N GLY A 170 -11.35 1.91 -0.46
CA GLY A 170 -12.32 2.87 -1.01
C GLY A 170 -13.48 2.18 -1.70
N ARG A 171 -13.67 0.89 -1.44
CA ARG A 171 -14.63 0.05 -2.21
C ARG A 171 -15.51 -0.70 -1.22
N LEU A 172 -16.82 -0.71 -1.44
CA LEU A 172 -17.76 -1.43 -0.54
C LEU A 172 -17.60 -2.94 -0.70
N ILE A 173 -17.36 -3.67 0.41
CA ILE A 173 -17.15 -5.15 0.46
C ILE A 173 -18.33 -5.83 1.17
N ASP A 174 -18.92 -5.21 2.19
CA ASP A 174 -20.04 -5.80 2.97
C ASP A 174 -20.84 -4.71 3.69
N GLN A 175 -22.09 -5.03 4.04
CA GLN A 175 -23.03 -4.14 4.78
C GLN A 175 -24.11 -4.97 5.49
N LYS A 176 -24.56 -4.50 6.65
CA LYS A 176 -25.64 -5.13 7.46
C LYS A 176 -26.63 -4.06 7.91
N PRO A 177 -27.95 -4.32 7.80
CA PRO A 177 -28.92 -3.44 8.42
C PRO A 177 -28.69 -3.35 9.94
N ILE A 178 -28.85 -2.15 10.53
CA ILE A 178 -28.72 -1.88 11.98
C ILE A 178 -29.93 -1.07 12.50
N SER A 179 -30.96 -0.93 11.65
CA SER A 179 -32.20 -0.19 12.00
C SER A 179 -32.92 -0.87 13.18
N ASN A 180 -32.71 -2.17 13.39
CA ASN A 180 -33.39 -2.92 14.48
C ASN A 180 -32.64 -2.71 15.80
N LEU A 181 -31.43 -2.14 15.77
CA LEU A 181 -30.66 -1.88 17.02
C LEU A 181 -31.20 -0.68 17.80
N GLY A 182 -30.99 -0.70 19.12
CA GLY A 182 -31.36 0.41 20.03
C GLY A 182 -30.28 1.48 20.09
N ASN A 183 -30.34 2.31 21.13
CA ASN A 183 -29.48 3.50 21.35
C ASN A 183 -28.05 3.10 21.72
N ILE A 184 -27.09 4.02 21.52
CA ILE A 184 -25.63 3.78 21.74
C ILE A 184 -24.95 5.08 22.20
N HIS A 185 -24.76 5.23 23.52
CA HIS A 185 -24.14 6.41 24.18
C HIS A 185 -22.62 6.38 23.96
N SER A 187 -18.71 4.62 23.92
CA SER A 187 -17.82 4.88 25.08
C SER A 187 -17.02 6.17 24.90
N ASN A 188 -16.67 6.78 26.03
CA ASN A 188 -15.83 7.98 26.21
C ASN A 188 -14.36 7.66 25.91
N LYS A 189 -14.06 6.39 25.57
CA LYS A 189 -12.69 5.81 25.58
C LYS A 189 -12.57 4.77 24.47
N ILE A 190 -11.51 4.88 23.66
CA ILE A 190 -11.17 3.89 22.60
C ILE A 190 -9.87 3.20 23.02
N MET A 191 -9.85 1.87 22.95
CA MET A 191 -8.69 1.06 23.37
C MET A 191 -8.17 0.31 22.15
N PHE A 192 -6.97 0.68 21.73
CA PHE A 192 -6.17 -0.02 20.71
C PHE A 192 -5.27 -1.03 21.44
N LYS A 193 -5.56 -2.33 21.32
CA LYS A 193 -4.85 -3.36 22.10
C LYS A 193 -5.37 -4.71 21.63
N LEU A 194 -4.46 -5.67 21.40
CA LEU A 194 -4.83 -7.07 21.08
C LEU A 194 -5.45 -7.66 22.34
N ASP A 195 -6.73 -8.05 22.24
CA ASP A 195 -7.51 -8.58 23.39
C ASP A 195 -8.03 -9.97 23.05
N GLY A 196 -7.51 -10.99 23.76
CA GLY A 196 -7.94 -12.39 23.62
C GLY A 196 -7.11 -13.15 22.60
N CYS A 197 -6.08 -12.51 22.07
CA CYS A 197 -5.15 -13.15 21.10
C CYS A 197 -4.30 -14.18 21.83
N ARG A 198 -4.22 -15.43 21.34
CA ARG A 198 -3.49 -16.50 22.08
C ARG A 198 -2.14 -16.84 21.43
N ASP A 199 -1.75 -16.10 20.40
CA ASP A 199 -0.46 -16.28 19.68
C ASP A 199 0.54 -15.21 20.14
N PRO A 200 1.68 -15.57 20.79
CA PRO A 200 2.58 -14.56 21.34
C PRO A 200 3.26 -13.75 20.24
N ARG A 201 3.42 -14.32 19.04
CA ARG A 201 4.11 -13.65 17.89
C ARG A 201 3.16 -12.72 17.12
N ARG A 202 1.85 -12.73 17.40
CA ARG A 202 0.88 -11.93 16.57
C ARG A 202 1.09 -10.45 16.85
N TYR A 203 1.15 -9.61 15.81
CA TYR A 203 1.18 -8.14 15.96
C TYR A 203 0.41 -7.53 14.80
N ILE A 204 -0.02 -6.29 14.97
CA ILE A 204 -0.74 -5.57 13.90
C ILE A 204 -0.02 -4.25 13.66
N MET A 205 -0.17 -3.70 12.46
CA MET A 205 0.26 -2.33 12.12
C MET A 205 -0.97 -1.51 11.80
N ILE A 206 -1.17 -0.38 12.51
CA ILE A 206 -2.18 0.70 12.22
C ILE A 206 -1.51 2.01 11.80
N LYS A 207 -2.19 2.84 11.01
CA LYS A 207 -1.70 4.22 10.72
C LYS A 207 -2.90 5.10 10.37
N TYR A 208 -2.87 6.36 10.81
CA TYR A 208 -3.76 7.47 10.37
C TYR A 208 -5.20 7.14 10.75
N PHE A 209 -5.40 6.88 12.02
CA PHE A 209 -6.76 6.64 12.55
C PHE A 209 -7.52 7.97 12.65
N ASN A 210 -8.79 7.96 12.19
CA ASN A 210 -9.69 9.12 12.24
C ASN A 210 -11.08 8.61 12.65
N LEU A 211 -11.78 9.48 13.31
CA LEU A 211 -13.22 9.38 13.64
C LEU A 211 -13.95 10.57 13.04
N PHE A 212 -15.15 10.32 12.51
CA PHE A 212 -15.95 11.35 11.81
C PHE A 212 -17.34 11.36 12.44
N ASP A 213 -17.94 12.55 12.48
CA ASP A 213 -19.27 12.75 13.14
C ASP A 213 -20.41 12.49 12.15
N LYS A 214 -20.15 11.87 11.02
CA LYS A 214 -21.22 11.57 10.03
C LYS A 214 -20.98 10.22 9.38
N GLU A 215 -22.01 9.69 8.73
CA GLU A 215 -21.90 8.52 7.84
C GLU A 215 -21.28 8.97 6.53
N LEU A 216 -20.00 8.68 6.32
CA LEU A 216 -19.34 9.05 5.05
C LEU A 216 -20.03 8.32 3.91
N ASN A 217 -20.19 8.99 2.75
CA ASN A 217 -20.74 8.38 1.49
C ASN A 217 -19.58 7.80 0.68
N GLU A 218 -19.91 7.04 -0.36
CA GLU A 218 -18.92 6.24 -1.16
C GLU A 218 -17.90 7.16 -1.83
N LYS A 219 -18.30 8.36 -2.26
CA LYS A 219 -17.42 9.32 -2.96
C LYS A 219 -16.40 9.87 -1.96
N GLU A 220 -16.85 10.23 -0.76
CA GLU A 220 -15.98 10.81 0.29
C GLU A 220 -14.96 9.77 0.73
N ILE A 221 -15.36 8.51 0.81
CA ILE A 221 -14.45 7.40 1.24
C ILE A 221 -13.39 7.16 0.15
N LYS A 222 -13.80 7.18 -1.12
CA LYS A 222 -12.86 7.02 -2.25
C LYS A 222 -11.84 8.16 -2.17
N ASP A 223 -12.30 9.39 -1.98
CA ASP A 223 -11.45 10.61 -1.91
C ASP A 223 -10.52 10.49 -0.69
N LEU A 224 -11.03 10.02 0.43
CA LEU A 224 -10.22 9.79 1.65
C LEU A 224 -9.10 8.80 1.28
N TYR A 225 -9.44 7.65 0.69
CA TYR A 225 -8.48 6.58 0.34
C TYR A 225 -7.46 7.16 -0.66
N ASP A 226 -7.99 7.75 -1.74
CA ASP A 226 -7.22 8.30 -2.88
C ASP A 226 -6.22 9.32 -2.34
N SER A 227 -6.65 10.21 -1.45
CA SER A 227 -5.74 11.24 -0.89
C SER A 227 -4.57 10.50 -0.22
N GLN A 228 -4.88 9.72 0.81
CA GLN A 228 -3.90 9.05 1.72
C GLN A 228 -3.07 8.02 0.97
N SER A 229 -3.64 7.38 -0.07
CA SER A 229 -2.97 6.35 -0.90
C SER A 229 -2.06 7.04 -1.92
N ASN A 230 -2.64 7.81 -2.84
CA ASN A 230 -1.94 8.50 -3.96
C ASN A 230 -0.90 9.46 -3.37
N SER A 231 0.38 9.21 -3.67
CA SER A 231 1.51 9.78 -2.89
C SER A 231 2.78 9.90 -3.74
N GLY A 232 3.75 10.63 -3.21
CA GLY A 232 5.09 10.93 -3.77
C GLY A 232 6.08 9.82 -3.43
N ILE A 233 5.58 8.70 -2.91
CA ILE A 233 6.43 7.52 -2.51
C ILE A 233 6.00 6.31 -3.33
N LEU A 234 6.95 5.64 -3.98
CA LEU A 234 6.58 4.42 -4.71
C LEU A 234 6.33 3.30 -3.71
N LYS A 235 5.45 2.38 -4.06
CA LYS A 235 5.11 1.24 -3.19
C LYS A 235 5.46 -0.07 -3.88
N ASP A 236 5.78 -1.08 -3.09
CA ASP A 236 5.86 -2.46 -3.59
C ASP A 236 4.46 -3.06 -3.75
N PHE A 237 4.42 -4.33 -4.17
CA PHE A 237 3.20 -5.11 -4.51
C PHE A 237 2.27 -5.15 -3.28
N TRP A 238 2.85 -5.17 -2.08
CA TRP A 238 2.08 -5.30 -0.80
C TRP A 238 1.73 -3.95 -0.22
N GLY A 239 2.08 -2.84 -0.89
CA GLY A 239 1.81 -1.47 -0.40
C GLY A 239 2.84 -0.96 0.59
N ASN A 240 3.94 -1.70 0.81
CA ASN A 240 5.08 -1.19 1.60
C ASN A 240 5.87 -0.21 0.74
N TYR A 241 6.59 0.71 1.37
CA TYR A 241 7.47 1.65 0.64
C TYR A 241 8.51 0.88 -0.19
N LEU A 242 8.62 1.22 -1.47
CA LEU A 242 9.68 0.68 -2.37
C LEU A 242 11.04 1.13 -1.88
N GLN A 243 12.03 0.24 -1.91
CA GLN A 243 13.36 0.50 -1.32
C GLN A 243 14.45 0.33 -2.37
N TYR A 244 15.47 1.14 -2.23
CA TYR A 244 16.79 0.94 -2.83
C TYR A 244 17.50 -0.27 -2.23
N ASP A 245 18.37 -0.92 -2.99
CA ASP A 245 19.31 -1.97 -2.48
C ASP A 245 18.57 -3.17 -1.90
N LYS A 246 17.41 -3.49 -2.46
CA LYS A 246 16.54 -4.61 -2.04
C LYS A 246 16.08 -5.35 -3.28
N PRO A 247 16.31 -6.68 -3.35
CA PRO A 247 15.91 -7.52 -4.46
C PRO A 247 14.38 -7.63 -4.60
N TYR A 248 13.93 -7.38 -5.81
CA TYR A 248 12.50 -7.50 -6.21
C TYR A 248 12.38 -8.41 -7.43
N TYR A 249 11.25 -9.11 -7.52
CA TYR A 249 10.74 -9.65 -8.81
C TYR A 249 9.86 -8.57 -9.44
N MET A 250 9.94 -8.43 -10.76
CA MET A 250 9.18 -7.39 -11.50
C MET A 250 7.97 -8.10 -12.14
N LEU A 251 6.78 -7.55 -11.94
CA LEU A 251 5.51 -8.06 -12.52
C LEU A 251 5.04 -7.04 -13.55
N ASN A 252 4.79 -7.49 -14.80
CA ASN A 252 4.18 -6.59 -15.79
C ASN A 252 2.67 -6.75 -15.74
N LEU A 253 1.95 -5.67 -15.51
CA LEU A 253 0.48 -5.78 -15.33
C LEU A 253 -0.24 -6.18 -16.64
N PHE A 254 0.39 -6.11 -17.81
CA PHE A 254 -0.24 -6.63 -19.06
C PHE A 254 -0.54 -8.13 -18.88
N ASP A 255 0.36 -8.87 -18.24
CA ASP A 255 0.17 -10.32 -17.98
C ASP A 255 0.97 -10.73 -16.75
N PRO A 256 0.35 -10.78 -15.56
CA PRO A 256 1.02 -11.20 -14.34
C PRO A 256 1.43 -12.67 -14.29
N ASN A 257 1.09 -13.46 -15.30
CA ASN A 257 1.53 -14.88 -15.40
C ASN A 257 2.93 -14.96 -16.02
N LYS A 258 3.49 -13.84 -16.48
CA LYS A 258 4.83 -13.85 -17.13
C LYS A 258 5.88 -13.39 -16.11
N TYR A 259 7.05 -14.01 -16.13
CA TYR A 259 8.21 -13.62 -15.32
C TYR A 259 9.26 -13.07 -16.28
N VAL A 260 10.18 -12.30 -15.73
CA VAL A 260 11.28 -11.73 -16.53
C VAL A 260 12.45 -12.71 -16.53
N ASP A 261 13.03 -12.91 -17.70
CA ASP A 261 14.25 -13.73 -17.82
C ASP A 261 15.28 -12.99 -18.67
N VAL A 262 16.52 -13.47 -18.64
CA VAL A 262 17.63 -12.85 -19.41
C VAL A 262 18.09 -13.85 -20.47
N ASN A 263 18.16 -13.40 -21.72
CA ASN A 263 18.78 -14.14 -22.84
C ASN A 263 20.18 -13.57 -23.02
N ASN A 264 21.07 -14.03 -22.17
CA ASN A 264 22.52 -13.76 -22.20
C ASN A 264 22.83 -12.35 -21.72
N VAL A 265 24.00 -12.21 -21.07
CA VAL A 265 24.50 -10.90 -20.65
C VAL A 265 25.10 -10.20 -21.85
N GLY A 266 25.03 -8.86 -21.89
CA GLY A 266 25.70 -8.04 -22.90
C GLY A 266 24.70 -7.38 -23.84
N ILE A 267 25.17 -6.44 -24.65
CA ILE A 267 24.35 -5.64 -25.57
C ILE A 267 23.75 -6.56 -26.65
N ARG A 268 24.33 -7.74 -26.91
CA ARG A 268 23.78 -8.64 -27.98
C ARG A 268 22.76 -9.60 -27.38
N GLY A 269 22.49 -9.49 -26.06
CA GLY A 269 21.43 -10.24 -25.40
C GLY A 269 20.27 -9.34 -25.06
N TYR A 270 19.29 -9.89 -24.40
CA TYR A 270 18.13 -9.08 -24.01
C TYR A 270 17.42 -9.68 -22.80
N MET A 271 16.62 -8.81 -22.19
CA MET A 271 15.67 -9.25 -21.16
C MET A 271 14.30 -9.47 -21.82
N TYR A 272 13.52 -10.39 -21.33
CA TYR A 272 12.18 -10.68 -21.92
C TYR A 272 11.23 -11.23 -20.87
N LEU A 273 9.96 -11.24 -21.27
CA LEU A 273 8.87 -11.79 -20.43
C LEU A 273 8.52 -13.17 -20.98
N LYS A 274 8.34 -14.15 -20.09
CA LYS A 274 8.04 -15.52 -20.54
C LYS A 274 6.99 -16.16 -19.63
N GLY A 275 6.07 -16.91 -20.23
CA GLY A 275 4.91 -17.48 -19.55
C GLY A 275 5.32 -18.57 -18.58
N SER A 276 4.67 -18.59 -17.41
CA SER A 276 4.82 -19.64 -16.36
C SER A 276 4.04 -20.89 -16.77
N SER A 289 6.81 -27.80 -4.85
CA SER A 289 6.05 -26.76 -5.59
C SER A 289 6.68 -26.54 -6.97
N GLY A 290 7.85 -25.89 -7.02
CA GLY A 290 8.69 -25.71 -8.23
C GLY A 290 8.20 -24.56 -9.08
N LEU A 291 8.41 -23.31 -8.64
CA LEU A 291 7.84 -22.10 -9.28
C LEU A 291 8.94 -21.08 -9.59
N TYR A 292 9.41 -20.99 -10.82
CA TYR A 292 10.38 -19.94 -11.23
C TYR A 292 9.67 -18.59 -11.25
N MET A 293 10.23 -17.61 -10.52
CA MET A 293 9.66 -16.24 -10.31
C MET A 293 10.41 -15.23 -11.20
N GLY A 294 11.49 -15.67 -11.87
CA GLY A 294 12.29 -14.85 -12.79
C GLY A 294 13.48 -14.15 -12.17
N THR A 295 14.06 -13.23 -12.93
CA THR A 295 15.29 -12.49 -12.63
C THR A 295 15.02 -11.47 -11.52
N LYS A 296 15.95 -11.28 -10.58
CA LYS A 296 15.80 -10.30 -9.50
C LYS A 296 16.34 -8.97 -9.98
N PHE A 297 15.64 -7.91 -9.64
CA PHE A 297 16.06 -6.53 -9.93
C PHE A 297 16.39 -5.84 -8.62
N ILE A 298 17.37 -4.95 -8.67
CA ILE A 298 17.77 -4.10 -7.51
C ILE A 298 17.78 -2.66 -8.00
N ILE A 299 17.12 -1.76 -7.29
CA ILE A 299 17.09 -0.32 -7.64
C ILE A 299 18.26 0.35 -6.90
N LYS A 300 19.09 1.05 -7.63
CA LYS A 300 20.35 1.65 -7.12
C LYS A 300 20.22 3.17 -7.12
N LYS A 301 20.68 3.83 -6.06
CA LYS A 301 20.70 5.31 -6.00
C LYS A 301 21.59 5.86 -7.10
N TYR A 302 21.14 6.87 -7.79
CA TYR A 302 22.01 7.63 -8.70
C TYR A 302 22.00 9.09 -8.26
N ALA A 303 20.85 9.75 -8.34
CA ALA A 303 20.78 11.22 -8.15
C ALA A 303 20.13 11.58 -6.82
N SER A 304 19.59 10.61 -6.08
CA SER A 304 18.88 10.93 -4.80
C SER A 304 19.90 11.43 -3.77
N GLY A 305 19.58 12.57 -3.14
CA GLY A 305 20.30 13.13 -1.99
C GLY A 305 19.74 12.62 -0.67
N ASN A 306 18.68 11.80 -0.70
CA ASN A 306 18.08 11.24 0.54
C ASN A 306 18.99 10.12 1.05
N LYS A 307 19.28 10.17 2.34
CA LYS A 307 20.07 9.14 3.05
C LYS A 307 19.18 7.93 3.33
N ASP A 308 17.86 8.09 3.47
CA ASP A 308 16.93 6.94 3.63
C ASP A 308 16.95 6.18 2.28
N ASN A 309 16.40 4.98 2.28
CA ASN A 309 16.43 4.02 1.15
C ASN A 309 15.02 3.87 0.55
N ILE A 310 14.14 4.84 0.75
CA ILE A 310 12.80 4.86 0.08
C ILE A 310 12.92 5.46 -1.32
N VAL A 311 12.31 4.78 -2.30
CA VAL A 311 12.25 5.29 -3.69
C VAL A 311 11.09 6.28 -3.79
N ARG A 312 11.42 7.51 -4.15
CA ARG A 312 10.39 8.56 -4.27
C ARG A 312 10.06 8.82 -5.74
N ASN A 313 8.87 9.33 -5.93
CA ASN A 313 8.42 9.70 -7.29
C ASN A 313 9.42 10.65 -7.94
N ASN A 314 9.78 10.38 -9.21
CA ASN A 314 10.74 11.16 -10.02
C ASN A 314 12.17 10.97 -9.57
N ASP A 315 12.48 10.05 -8.65
CA ASP A 315 13.89 9.72 -8.36
C ASP A 315 14.56 9.20 -9.66
N ARG A 316 15.77 9.64 -9.91
CA ARG A 316 16.60 9.09 -11.02
C ARG A 316 17.45 7.98 -10.41
N VAL A 317 17.42 6.80 -10.99
CA VAL A 317 18.02 5.58 -10.39
C VAL A 317 18.77 4.83 -11.50
N TYR A 318 19.55 3.83 -11.10
CA TYR A 318 20.00 2.73 -11.98
C TYR A 318 19.26 1.48 -11.59
N ILE A 319 19.07 0.58 -12.54
CA ILE A 319 18.48 -0.73 -12.23
C ILE A 319 19.55 -1.79 -12.49
N ASN A 320 19.82 -2.60 -11.49
CA ASN A 320 20.67 -3.79 -11.61
C ASN A 320 19.79 -5.02 -11.75
N VAL A 321 20.29 -5.99 -12.51
CA VAL A 321 19.63 -7.30 -12.75
C VAL A 321 20.58 -8.37 -12.20
N VAL A 322 20.04 -9.33 -11.47
CA VAL A 322 20.86 -10.45 -10.94
C VAL A 322 20.73 -11.64 -11.86
N VAL A 323 21.84 -12.14 -12.33
CA VAL A 323 21.91 -13.32 -13.22
C VAL A 323 22.96 -14.25 -12.62
N ASN A 324 22.55 -15.43 -12.15
CA ASN A 324 23.51 -16.43 -11.59
C ASN A 324 24.34 -15.77 -10.48
N ASN A 325 23.67 -15.06 -9.57
CA ASN A 325 24.26 -14.50 -8.33
C ASN A 325 25.32 -13.44 -8.68
N LYS A 326 25.17 -12.75 -9.81
CA LYS A 326 26.01 -11.58 -10.14
C LYS A 326 25.13 -10.45 -10.64
N GLU A 327 25.53 -9.21 -10.39
CA GLU A 327 24.78 -8.02 -10.81
C GLU A 327 25.30 -7.48 -12.15
N TYR A 328 24.34 -7.04 -12.94
CA TYR A 328 24.50 -6.45 -14.28
C TYR A 328 23.60 -5.21 -14.33
N ARG A 329 23.82 -4.34 -15.30
CA ARG A 329 23.11 -3.06 -15.39
C ARG A 329 22.10 -3.12 -16.51
N LEU A 330 20.87 -2.75 -16.24
CA LEU A 330 19.83 -2.59 -17.31
C LEU A 330 20.19 -1.39 -18.17
N ALA A 331 20.29 -1.58 -19.49
CA ALA A 331 20.73 -0.50 -20.38
C ALA A 331 20.36 -0.80 -21.82
N THR A 332 20.44 0.24 -22.62
CA THR A 332 20.24 0.12 -24.09
C THR A 332 21.10 1.11 -24.85
N ASN A 333 21.26 0.85 -26.14
CA ASN A 333 21.88 1.81 -27.08
C ASN A 333 20.75 2.56 -27.80
N ALA A 334 20.52 3.80 -27.41
CA ALA A 334 19.38 4.57 -27.96
C ALA A 334 19.75 5.21 -29.30
N SER A 335 20.98 5.01 -29.75
CA SER A 335 21.45 5.61 -31.04
C SER A 335 21.14 4.70 -32.22
N GLN A 336 20.59 3.51 -32.00
CA GLN A 336 20.38 2.53 -33.07
C GLN A 336 18.90 2.13 -33.05
N ALA A 337 18.46 1.43 -34.09
CA ALA A 337 17.15 0.72 -34.12
C ALA A 337 16.03 1.72 -34.36
N GLY A 338 14.80 1.23 -34.23
CA GLY A 338 13.62 2.09 -34.32
C GLY A 338 13.30 2.67 -32.96
N VAL A 339 12.05 2.96 -32.76
CA VAL A 339 11.59 3.62 -31.51
C VAL A 339 11.78 2.64 -30.35
N GLU A 340 11.58 1.36 -30.58
CA GLU A 340 11.69 0.31 -29.53
C GLU A 340 13.15 0.00 -29.27
N LYS A 341 13.63 0.36 -28.09
CA LYS A 341 15.04 0.15 -27.70
C LYS A 341 15.05 -1.08 -26.81
N ILE A 342 15.54 -2.19 -27.31
CA ILE A 342 15.54 -3.48 -26.55
C ILE A 342 16.47 -3.33 -25.36
N LEU A 343 16.01 -3.72 -24.18
CA LEU A 343 16.86 -3.63 -22.99
C LEU A 343 17.72 -4.88 -22.81
N SER A 344 18.96 -4.64 -22.42
CA SER A 344 19.97 -5.68 -22.16
C SER A 344 20.50 -5.57 -20.72
N ALA A 345 21.14 -6.64 -20.27
CA ALA A 345 21.84 -6.72 -18.98
C ALA A 345 23.32 -6.54 -19.24
N LEU A 346 23.91 -5.41 -18.92
CA LEU A 346 25.30 -5.09 -19.30
C LEU A 346 26.29 -5.39 -18.17
N GLU A 347 27.50 -5.80 -18.53
CA GLU A 347 28.61 -5.75 -17.53
C GLU A 347 28.76 -4.31 -17.07
N ILE A 348 28.80 -4.09 -15.77
CA ILE A 348 28.90 -2.72 -15.26
C ILE A 348 30.18 -2.05 -15.73
N PRO A 349 31.36 -2.71 -15.73
CA PRO A 349 32.59 -2.08 -16.27
C PRO A 349 32.51 -1.69 -17.75
N ASP A 350 31.55 -2.22 -18.52
CA ASP A 350 31.45 -2.00 -19.98
C ASP A 350 30.21 -1.18 -20.34
N ILE A 351 29.63 -0.43 -19.38
CA ILE A 351 28.39 0.33 -19.64
C ILE A 351 28.71 1.48 -20.62
N GLY A 352 29.92 2.04 -20.59
CA GLY A 352 30.26 3.24 -21.40
C GLY A 352 29.19 4.32 -21.33
N ASN A 353 28.71 4.76 -22.50
CA ASN A 353 27.76 5.91 -22.61
C ASN A 353 26.38 5.38 -22.95
N LEU A 354 26.14 4.09 -22.70
CA LEU A 354 24.80 3.52 -22.96
C LEU A 354 23.77 4.16 -22.04
N SER A 355 22.52 4.14 -22.48
CA SER A 355 21.45 4.77 -21.69
C SER A 355 21.07 3.83 -20.54
N GLN A 356 21.01 4.36 -19.33
CA GLN A 356 20.80 3.51 -18.13
C GLN A 356 20.08 4.28 -17.03
N VAL A 357 19.91 5.59 -17.13
CA VAL A 357 19.27 6.33 -16.02
C VAL A 357 17.77 6.12 -16.10
N VAL A 358 17.17 5.70 -15.01
CA VAL A 358 15.71 5.44 -14.99
C VAL A 358 15.02 6.44 -14.06
N VAL A 359 13.99 7.13 -14.57
CA VAL A 359 13.15 7.98 -13.68
C VAL A 359 11.98 7.12 -13.16
N MET A 360 11.92 6.90 -11.84
CA MET A 360 10.86 6.11 -11.22
C MET A 360 9.62 6.96 -11.04
N LYS A 361 8.45 6.42 -11.33
CA LYS A 361 7.16 7.16 -11.21
C LYS A 361 6.12 6.30 -10.51
N SER A 362 5.38 6.88 -9.56
CA SER A 362 4.18 6.19 -9.05
C SER A 362 3.08 6.49 -10.05
N LYS A 363 2.22 5.53 -10.38
CA LYS A 363 1.06 5.76 -11.27
C LYS A 363 -0.19 5.76 -10.40
N ASN A 364 -0.73 6.95 -10.12
CA ASN A 364 -1.85 7.15 -9.16
C ASN A 364 -3.16 7.31 -9.95
N ASP A 365 -3.77 6.18 -10.30
CA ASP A 365 -5.10 6.10 -10.96
C ASP A 365 -6.09 5.59 -9.90
N GLN A 366 -6.97 4.66 -10.27
CA GLN A 366 -7.77 3.86 -9.29
C GLN A 366 -6.82 2.97 -8.50
N GLY A 367 -7.03 2.85 -7.18
CA GLY A 367 -6.09 2.22 -6.24
C GLY A 367 -6.39 0.74 -6.02
N ILE A 368 -6.42 -0.05 -7.10
CA ILE A 368 -6.50 -1.54 -7.04
C ILE A 368 -5.07 -2.10 -6.95
N ARG A 369 -4.08 -1.33 -7.41
CA ARG A 369 -2.69 -1.84 -7.57
C ARG A 369 -1.68 -0.75 -7.19
N ASN A 370 -0.49 -1.17 -6.75
CA ASN A 370 0.65 -0.26 -6.44
C ASN A 370 1.49 -0.13 -7.71
N LYS A 371 0.96 0.60 -8.69
CA LYS A 371 1.54 0.63 -10.06
C LYS A 371 2.74 1.57 -10.11
N CYS A 372 3.80 1.14 -10.80
CA CYS A 372 5.01 1.91 -11.02
C CYS A 372 5.28 2.03 -12.53
N LYS A 373 5.84 3.14 -12.93
CA LYS A 373 6.38 3.29 -14.29
C LYS A 373 7.85 3.66 -14.18
N MET A 374 8.59 3.42 -15.26
CA MET A 374 10.04 3.64 -15.31
C MET A 374 10.36 4.32 -16.64
N ASN A 375 10.83 5.56 -16.60
CA ASN A 375 11.15 6.32 -17.85
C ASN A 375 12.67 6.32 -18.01
N LEU A 376 13.16 5.63 -19.04
CA LEU A 376 14.60 5.56 -19.29
C LEU A 376 15.06 6.86 -19.96
N GLN A 377 16.20 7.35 -19.56
CA GLN A 377 16.78 8.63 -20.06
C GLN A 377 18.24 8.38 -20.43
N ASP A 378 18.77 9.20 -21.33
CA ASP A 378 20.23 9.20 -21.57
C ASP A 378 20.89 10.05 -20.47
N ASN A 379 22.22 10.24 -20.55
CA ASN A 379 22.96 10.93 -19.46
C ASN A 379 22.78 12.45 -19.52
N ASN A 380 21.96 12.97 -20.44
CA ASN A 380 21.72 14.43 -20.63
C ASN A 380 20.27 14.77 -20.30
N GLY A 381 19.55 13.84 -19.66
CA GLY A 381 18.15 14.03 -19.23
C GLY A 381 17.14 13.91 -20.36
N ASN A 382 17.55 13.44 -21.55
CA ASN A 382 16.63 13.23 -22.69
C ASN A 382 15.87 11.91 -22.51
N ASP A 383 14.53 11.93 -22.68
CA ASP A 383 13.71 10.70 -22.57
C ASP A 383 14.07 9.73 -23.71
N ILE A 384 14.36 8.49 -23.36
CA ILE A 384 14.46 7.37 -24.34
C ILE A 384 13.07 6.75 -24.39
N GLY A 385 12.41 6.62 -23.24
CA GLY A 385 11.05 6.07 -23.28
C GLY A 385 10.70 5.30 -22.01
N PHE A 386 9.41 5.19 -21.74
CA PHE A 386 8.95 4.28 -20.68
C PHE A 386 9.34 2.84 -20.97
N ILE A 387 9.66 2.11 -19.90
CA ILE A 387 10.03 0.68 -19.99
C ILE A 387 8.75 -0.16 -20.07
N GLY A 388 8.68 -0.97 -21.09
CA GLY A 388 7.59 -1.92 -21.33
C GLY A 388 8.09 -3.14 -22.05
N PHE A 389 7.35 -3.57 -23.07
CA PHE A 389 7.77 -4.74 -23.86
C PHE A 389 7.23 -4.57 -25.29
N HIS A 390 7.87 -5.30 -26.18
CA HIS A 390 7.46 -5.32 -27.62
C HIS A 390 7.65 -6.74 -28.12
N LYS A 391 6.69 -7.24 -28.88
CA LYS A 391 6.81 -8.61 -29.40
C LYS A 391 7.66 -8.57 -30.66
N PHE A 392 8.82 -9.25 -30.62
CA PHE A 392 9.71 -9.45 -31.77
C PHE A 392 9.93 -10.95 -31.93
N ASN A 393 9.71 -11.47 -33.14
CA ASN A 393 9.95 -12.91 -33.40
C ASN A 393 9.25 -13.76 -32.32
N ASP A 394 8.00 -13.41 -31.95
CA ASP A 394 7.12 -14.12 -30.98
C ASP A 394 7.71 -14.16 -29.58
N ILE A 395 8.62 -13.23 -29.26
CA ILE A 395 9.14 -13.07 -27.87
C ILE A 395 8.81 -11.67 -27.39
N TYR A 396 8.32 -11.57 -26.15
CA TYR A 396 7.98 -10.28 -25.53
C TYR A 396 9.25 -9.71 -24.92
N LYS A 397 10.02 -9.01 -25.73
CA LYS A 397 11.33 -8.43 -25.27
C LYS A 397 11.08 -7.14 -24.48
N LEU A 398 11.80 -6.97 -23.37
CA LEU A 398 11.71 -5.67 -22.66
C LEU A 398 12.29 -4.56 -23.55
N VAL A 399 11.65 -3.39 -23.53
CA VAL A 399 12.08 -2.22 -24.32
C VAL A 399 11.91 -0.97 -23.52
N ALA A 400 12.64 0.06 -23.90
CA ALA A 400 12.25 1.44 -23.62
C ALA A 400 11.69 2.00 -24.92
N SER A 401 10.50 2.58 -24.88
CA SER A 401 9.89 3.08 -26.15
C SER A 401 9.28 4.46 -25.97
N ASN A 402 9.68 5.43 -26.77
CA ASN A 402 9.09 6.80 -26.74
C ASN A 402 7.67 6.73 -27.28
N TRP A 403 7.24 5.59 -27.81
CA TRP A 403 5.82 5.43 -28.23
C TRP A 403 4.92 5.66 -27.02
N TYR A 404 5.29 5.11 -25.85
CA TYR A 404 4.48 5.24 -24.63
C TYR A 404 4.37 6.72 -24.28
N ASN A 405 5.47 7.43 -24.31
CA ASN A 405 5.54 8.87 -23.94
C ASN A 405 4.73 9.71 -24.91
N ARG A 406 4.79 9.36 -26.20
CA ARG A 406 4.08 10.07 -27.29
C ARG A 406 2.59 9.85 -27.17
N GLN A 407 2.17 8.63 -26.81
CA GLN A 407 0.72 8.31 -26.61
C GLN A 407 0.18 9.18 -25.47
N ILE A 408 0.92 9.27 -24.37
CA ILE A 408 0.49 10.01 -23.14
C ILE A 408 0.33 11.49 -23.50
N GLU A 409 1.27 12.01 -24.28
CA GLU A 409 1.34 13.43 -24.76
C GLU A 409 0.04 13.86 -25.44
N ILE A 410 -0.60 12.94 -26.16
CA ILE A 410 -1.79 13.19 -27.04
C ILE A 410 -3.04 12.53 -26.45
N SER A 411 -2.93 12.03 -25.21
CA SER A 411 -4.03 11.47 -24.37
C SER A 411 -4.56 10.15 -24.94
N SER A 412 -3.70 9.36 -25.57
CA SER A 412 -4.08 8.07 -26.20
C SER A 412 -3.62 6.89 -25.33
N ARG A 413 -4.20 5.72 -25.59
CA ARG A 413 -4.16 4.54 -24.69
C ARG A 413 -2.72 4.01 -24.69
N THR A 414 -2.21 3.64 -23.52
CA THR A 414 -0.99 2.82 -23.42
C THR A 414 -1.33 1.50 -22.75
N PHE A 415 -0.46 0.52 -22.92
CA PHE A 415 -0.51 -0.78 -22.22
C PHE A 415 0.91 -1.33 -22.19
N GLY A 416 1.20 -2.16 -21.21
CA GLY A 416 2.48 -2.87 -21.10
C GLY A 416 3.56 -2.09 -20.43
N CYS A 417 3.32 -0.90 -19.90
CA CYS A 417 4.38 -0.06 -19.32
C CYS A 417 4.11 0.17 -17.83
N SER A 418 3.26 -0.66 -17.24
CA SER A 418 2.92 -0.65 -15.80
C SER A 418 3.49 -1.88 -15.09
N TRP A 419 4.19 -1.66 -13.99
CA TRP A 419 4.96 -2.69 -13.27
C TRP A 419 4.61 -2.65 -11.78
N GLU A 420 4.78 -3.79 -11.15
CA GLU A 420 4.77 -3.94 -9.68
C GLU A 420 6.04 -4.66 -9.26
N PHE A 421 6.51 -4.31 -8.07
CA PHE A 421 7.75 -4.90 -7.53
C PHE A 421 7.39 -5.82 -6.37
N ILE A 422 7.71 -7.09 -6.49
CA ILE A 422 7.42 -8.10 -5.43
C ILE A 422 8.72 -8.38 -4.67
N PRO A 423 8.82 -8.04 -3.37
CA PRO A 423 10.04 -8.33 -2.65
C PRO A 423 10.39 -9.83 -2.69
N VAL A 424 11.66 -10.12 -2.90
CA VAL A 424 12.21 -11.50 -2.82
C VAL A 424 12.22 -11.94 -1.36
C1 EDO B . 18.55 -0.72 -29.87
O1 EDO B . 19.12 -0.08 -28.79
C2 EDO B . 17.93 -2.00 -29.43
O2 EDO B . 16.74 -2.31 -29.99
C1 EDO C . 0.29 3.33 4.77
O1 EDO C . -0.06 4.58 4.22
C2 EDO C . 1.21 2.53 3.93
O2 EDO C . 2.52 2.38 4.44
C1 EDO D . -2.27 7.94 -21.37
O1 EDO D . -2.90 8.55 -22.45
C2 EDO D . -2.58 6.51 -21.22
O2 EDO D . -1.62 5.82 -20.45
C1 EDO E . 16.80 12.72 -8.37
O1 EDO E . 16.97 11.44 -7.81
C2 EDO E . 15.66 12.87 -9.31
O2 EDO E . 14.55 13.62 -8.83
C1 PEG F . 25.30 -15.99 -17.95
O1 PEG F . 25.59 -15.61 -16.58
C2 PEG F . 24.63 -14.92 -18.76
O2 PEG F . 24.93 -15.06 -20.15
C3 PEG F . 26.08 -14.36 -20.58
C4 PEG F . 26.17 -14.32 -22.06
O4 PEG F . 27.01 -13.26 -22.54
C1 EDO G . -12.83 -11.02 20.48
O1 EDO G . -12.41 -10.48 21.73
C2 EDO G . -14.22 -10.66 20.10
O2 EDO G . -14.37 -9.33 19.64
C1 EDO H . 6.78 8.76 5.91
O1 EDO H . 5.53 9.34 5.60
C2 EDO H . 7.62 8.52 4.71
O2 EDO H . 9.01 8.55 4.96
C1 EDO I . 10.38 -8.82 2.46
O1 EDO I . 9.87 -7.64 1.88
C2 EDO I . 11.45 -9.50 1.68
O2 EDO I . 11.30 -10.90 1.51
#